data_1YDX
#
_entry.id   1YDX
#
_cell.length_a   76.601
_cell.length_b   76.601
_cell.length_c   174.847
_cell.angle_alpha   90.00
_cell.angle_beta   90.00
_cell.angle_gamma   120.00
#
_symmetry.space_group_name_H-M   'P 31 2 1'
#
loop_
_entity.id
_entity.type
_entity.pdbx_description
1 polymer 'type I restriction enzyme specificity protein MG438'
2 non-polymer 'CHLORIDE ION'
3 water water
#
_entity_poly.entity_id   1
_entity_poly.type   'polypeptide(L)'
_entity_poly.pdbx_seq_one_letter_code
;(MSE)GHHHHHHHHHHSSGHIDDDDKH(MSE)TPKLKLNNNINWTKRTIDSLFDLKKGE(MSE)LEKELITPEGKYEYFN
GGVKNSGRTDKFNTFKNTISVIVGGSCGYVRLADKNFFCGQSNCTLNLLDPLELDLKFAYYALKSQQERIEALAFGTTIQ
NIRISDLKELEIPFTSNKNEQHAIANTLSVFDERLENLASLIEINRKLRDEYAHKLFSLDEAFLSHWKLEALQSQ(MSE)
HEITLGEIFNFKSGKYLKSEERLEEGKFPYYGAGIDNTGFVAEPNTEKDTISIISNGYSLGNIRYHEIPWFNGTGSIALE
P(MSE)NNEIYVPFFYCALKYLQKDIKER(MSE)KSDDSPFLSLKLAGEIKVPYVKSFQLQRKAGKIVFLLDQKLDQYKK
ELSSLTVIRDTLLKKLFPD(MSE)TERTKSIKDY
;
_entity_poly.pdbx_strand_id   A
#
# COMPACT_ATOMS: atom_id res chain seq x y z
N THR A 25 9.87 -2.79 -31.54
CA THR A 25 9.90 -4.15 -30.95
C THR A 25 9.86 -4.10 -29.40
N PRO A 26 8.73 -4.54 -28.80
CA PRO A 26 8.61 -4.73 -27.32
C PRO A 26 9.78 -5.57 -26.78
N LYS A 27 10.26 -5.26 -25.57
CA LYS A 27 11.28 -6.08 -24.90
C LYS A 27 10.77 -7.44 -24.39
N LEU A 28 9.46 -7.52 -24.11
CA LEU A 28 8.79 -8.79 -23.83
C LEU A 28 7.82 -9.16 -24.94
N LYS A 29 8.11 -10.26 -25.62
CA LYS A 29 7.29 -10.69 -26.74
C LYS A 29 6.44 -11.87 -26.32
N LEU A 30 5.13 -11.72 -26.39
CA LEU A 30 4.27 -12.86 -26.06
C LEU A 30 4.09 -13.81 -27.22
N ASN A 31 4.22 -13.27 -28.43
CA ASN A 31 4.03 -14.04 -29.68
C ASN A 31 5.05 -13.55 -30.69
N ASN A 32 5.34 -14.40 -31.68
CA ASN A 32 6.25 -14.13 -32.77
C ASN A 32 5.59 -13.35 -33.89
N ASN A 33 6.41 -12.54 -34.55
CA ASN A 33 6.09 -11.87 -35.81
C ASN A 33 4.90 -10.91 -35.72
N ILE A 34 4.75 -10.27 -34.57
CA ILE A 34 3.70 -9.28 -34.40
C ILE A 34 4.15 -7.97 -35.11
N ASN A 35 3.27 -7.46 -35.99
CA ASN A 35 3.48 -6.17 -36.65
C ASN A 35 2.92 -5.02 -35.79
N TRP A 36 3.84 -4.23 -35.24
CA TRP A 36 3.51 -3.11 -34.40
C TRP A 36 3.54 -1.86 -35.25
N THR A 37 2.62 -0.97 -34.95
CA THR A 37 2.51 0.22 -35.74
C THR A 37 2.23 1.44 -34.84
N LYS A 38 2.48 2.63 -35.35
CA LYS A 38 2.11 3.88 -34.69
C LYS A 38 0.70 4.36 -35.11
N ARG A 39 -0.13 4.79 -34.16
CA ARG A 39 -1.47 5.27 -34.52
C ARG A 39 -1.76 6.52 -33.70
N THR A 40 -2.32 7.55 -34.32
CA THR A 40 -2.69 8.76 -33.57
C THR A 40 -3.89 8.42 -32.72
N ILE A 41 -4.00 9.12 -31.59
CA ILE A 41 -5.18 9.03 -30.72
C ILE A 41 -6.47 9.34 -31.51
N ASP A 42 -6.41 10.35 -32.37
CA ASP A 42 -7.52 10.75 -33.27
C ASP A 42 -8.05 9.59 -34.15
N SER A 43 -7.11 8.80 -34.69
CA SER A 43 -7.45 7.67 -35.54
C SER A 43 -8.15 6.50 -34.77
N LEU A 44 -8.09 6.48 -33.44
CA LEU A 44 -8.60 5.36 -32.64
C LEU A 44 -9.73 5.70 -31.68
N PHE A 45 -9.77 6.94 -31.21
CA PHE A 45 -10.70 7.38 -30.16
C PHE A 45 -11.53 8.60 -30.53
N ASP A 46 -12.67 8.70 -29.87
CA ASP A 46 -13.49 9.90 -29.84
C ASP A 46 -13.27 10.60 -28.50
N LEU A 47 -12.89 11.88 -28.55
CA LEU A 47 -12.53 12.65 -27.36
C LEU A 47 -13.66 13.60 -26.92
N LYS A 48 -14.01 13.58 -25.63
CA LYS A 48 -14.91 14.59 -25.07
C LYS A 48 -14.51 14.96 -23.64
N LYS A 49 -14.27 16.25 -23.43
CA LYS A 49 -14.03 16.78 -22.08
C LYS A 49 -15.29 16.60 -21.22
N GLY A 50 -15.10 16.53 -19.90
CA GLY A 50 -16.21 16.38 -19.00
C GLY A 50 -16.92 17.69 -18.78
N GLU A 51 -17.64 17.76 -17.68
CA GLU A 51 -18.44 18.94 -17.45
C GLU A 51 -18.25 19.49 -16.04
N LEU A 53 -19.20 20.46 -12.54
CA LEU A 53 -20.07 19.98 -11.50
C LEU A 53 -20.30 21.10 -10.48
N GLU A 54 -21.55 21.60 -10.42
CA GLU A 54 -21.91 22.66 -9.47
C GLU A 54 -21.62 22.20 -8.02
N LYS A 55 -21.07 23.11 -7.23
CA LYS A 55 -20.63 22.86 -5.85
C LYS A 55 -21.71 22.31 -4.92
N GLU A 56 -22.94 22.80 -5.04
CA GLU A 56 -24.07 22.30 -4.26
C GLU A 56 -24.47 20.85 -4.59
N LEU A 57 -23.96 20.33 -5.72
CA LEU A 57 -24.14 18.93 -6.10
C LEU A 57 -23.02 18.01 -5.57
N ILE A 58 -21.99 18.58 -4.95
CA ILE A 58 -20.90 17.82 -4.35
C ILE A 58 -21.16 17.50 -2.87
N THR A 59 -21.22 16.22 -2.56
CA THR A 59 -21.50 15.75 -1.20
C THR A 59 -20.58 14.58 -0.84
N PRO A 60 -19.94 14.63 0.35
CA PRO A 60 -19.05 13.53 0.81
C PRO A 60 -19.71 12.14 0.85
N GLU A 61 -21.04 12.12 1.00
CA GLU A 61 -21.83 10.88 1.04
C GLU A 61 -22.41 10.48 -0.33
N GLY A 62 -21.86 11.05 -1.42
CA GLY A 62 -22.39 10.84 -2.76
C GLY A 62 -22.04 9.48 -3.35
N LYS A 63 -23.01 8.88 -4.03
CA LYS A 63 -22.82 7.57 -4.66
C LYS A 63 -21.57 7.48 -5.53
N TYR A 64 -21.32 8.49 -6.35
CA TYR A 64 -20.26 8.42 -7.37
C TYR A 64 -19.06 9.31 -7.06
N GLU A 65 -17.93 9.00 -7.70
CA GLU A 65 -16.69 9.81 -7.69
C GLU A 65 -16.70 10.95 -8.71
N TYR A 66 -16.13 12.08 -8.31
CA TYR A 66 -15.93 13.21 -9.19
C TYR A 66 -14.48 13.20 -9.59
N PHE A 67 -14.21 12.82 -10.83
CA PHE A 67 -12.85 12.80 -11.34
C PHE A 67 -12.67 14.01 -12.27
N ASN A 68 -11.92 14.97 -11.76
CA ASN A 68 -11.63 16.20 -12.48
C ASN A 68 -10.13 16.26 -12.77
N GLY A 69 -9.39 17.11 -12.08
CA GLY A 69 -7.98 17.29 -12.36
C GLY A 69 -7.02 16.42 -11.56
N GLY A 70 -7.54 15.59 -10.66
CA GLY A 70 -6.69 14.79 -9.81
C GLY A 70 -6.67 13.29 -10.13
N VAL A 71 -5.59 12.66 -9.66
CA VAL A 71 -5.43 11.22 -9.64
C VAL A 71 -6.47 10.63 -8.67
N LYS A 72 -6.67 11.31 -7.54
CA LYS A 72 -7.78 11.03 -6.64
C LYS A 72 -9.00 11.89 -7.03
N ASN A 73 -10.17 11.51 -6.54
CA ASN A 73 -11.36 12.27 -6.84
C ASN A 73 -11.27 13.68 -6.21
N SER A 74 -12.12 14.59 -6.66
CA SER A 74 -12.20 15.93 -6.11
C SER A 74 -13.48 16.07 -5.31
N GLY A 75 -14.01 14.93 -4.90
CA GLY A 75 -15.27 14.87 -4.23
C GLY A 75 -16.16 13.77 -4.77
N ARG A 76 -17.36 13.67 -4.18
CA ARG A 76 -18.36 12.68 -4.56
C ARG A 76 -19.67 13.39 -4.90
N THR A 77 -20.57 12.69 -5.60
CA THR A 77 -21.89 13.20 -5.97
C THR A 77 -22.81 12.07 -6.20
N ASP A 78 -24.09 12.42 -6.27
CA ASP A 78 -25.14 11.52 -6.68
C ASP A 78 -25.43 11.57 -8.20
N LYS A 79 -24.70 12.42 -8.92
CA LYS A 79 -24.76 12.42 -10.38
C LYS A 79 -23.59 11.71 -11.03
N PHE A 80 -23.85 11.15 -12.21
CA PHE A 80 -22.79 10.62 -13.08
C PHE A 80 -23.05 11.00 -14.53
N ASN A 81 -21.99 11.15 -15.31
CA ASN A 81 -22.12 11.48 -16.73
C ASN A 81 -21.32 10.55 -17.66
N THR A 82 -20.65 9.57 -17.05
CA THR A 82 -19.78 8.64 -17.78
C THR A 82 -20.01 7.22 -17.21
N PHE A 83 -20.30 6.26 -18.09
CA PHE A 83 -20.49 4.88 -17.65
C PHE A 83 -19.15 4.25 -17.26
N LYS A 84 -19.20 3.23 -16.40
CA LYS A 84 -18.01 2.41 -16.09
C LYS A 84 -17.35 1.88 -17.40
N ASN A 85 -16.09 1.45 -17.29
CA ASN A 85 -15.36 0.88 -18.43
C ASN A 85 -15.20 1.90 -19.58
N THR A 86 -15.00 3.16 -19.23
CA THR A 86 -14.65 4.21 -20.16
C THR A 86 -13.25 4.67 -19.74
N ILE A 87 -12.37 4.79 -20.74
CA ILE A 87 -11.06 5.39 -20.57
C ILE A 87 -11.09 6.95 -20.51
N SER A 88 -10.28 7.51 -19.61
CA SER A 88 -10.10 8.95 -19.58
C SER A 88 -8.64 9.33 -19.45
N VAL A 89 -8.32 10.54 -19.88
CA VAL A 89 -7.00 11.15 -19.72
C VAL A 89 -7.18 12.54 -19.09
N ILE A 90 -6.40 12.84 -18.04
CA ILE A 90 -6.43 14.18 -17.42
C ILE A 90 -5.75 15.18 -18.34
N VAL A 91 -6.46 16.26 -18.64
CA VAL A 91 -5.96 17.32 -19.50
C VAL A 91 -5.82 18.70 -18.81
N GLY A 92 -6.09 18.78 -17.49
CA GLY A 92 -5.76 19.98 -16.69
C GLY A 92 -5.51 19.52 -15.27
N GLY A 93 -4.45 20.00 -14.63
CA GLY A 93 -4.11 19.54 -13.28
C GLY A 93 -3.00 18.52 -13.28
N SER A 94 -3.34 17.27 -12.98
CA SER A 94 -2.34 16.16 -13.05
C SER A 94 -2.33 15.53 -14.45
N CYS A 95 -1.91 16.36 -15.41
CA CYS A 95 -2.06 16.10 -16.82
C CYS A 95 -1.37 14.81 -17.24
N GLY A 96 -2.04 14.03 -18.09
CA GLY A 96 -1.44 12.83 -18.69
C GLY A 96 -1.94 11.54 -18.09
N TYR A 97 -2.48 11.65 -16.89
CA TYR A 97 -2.94 10.47 -16.15
C TYR A 97 -4.10 9.74 -16.84
N VAL A 98 -3.89 8.43 -17.10
CA VAL A 98 -4.81 7.58 -17.82
C VAL A 98 -5.57 6.67 -16.83
N ARG A 99 -6.90 6.65 -16.96
CA ARG A 99 -7.76 5.91 -16.07
C ARG A 99 -8.69 4.98 -16.85
N LEU A 100 -8.97 3.79 -16.30
CA LEU A 100 -10.07 2.99 -16.78
C LEU A 100 -11.04 2.83 -15.61
N ALA A 101 -12.15 3.57 -15.62
CA ALA A 101 -13.08 3.57 -14.48
C ALA A 101 -13.80 2.25 -14.42
N ASP A 102 -13.88 1.63 -13.26
CA ASP A 102 -14.71 0.44 -13.20
C ASP A 102 -16.13 0.70 -12.63
N LYS A 103 -16.39 1.96 -12.23
CA LYS A 103 -17.70 2.42 -11.78
C LYS A 103 -18.13 3.60 -12.60
N ASN A 104 -19.44 3.77 -12.77
CA ASN A 104 -19.99 5.02 -13.30
C ASN A 104 -19.42 6.22 -12.58
N PHE A 105 -19.20 7.33 -13.26
CA PHE A 105 -18.60 8.46 -12.57
C PHE A 105 -18.96 9.82 -13.15
N PHE A 106 -18.62 10.87 -12.41
CA PHE A 106 -18.78 12.21 -12.92
C PHE A 106 -17.47 12.74 -13.41
N CYS A 107 -17.37 12.83 -14.73
CA CYS A 107 -16.22 13.40 -15.42
C CYS A 107 -16.31 14.93 -15.48
N GLY A 108 -15.29 15.59 -14.91
CA GLY A 108 -15.18 17.05 -14.88
C GLY A 108 -14.44 17.65 -16.06
N GLN A 109 -14.26 18.97 -16.05
CA GLN A 109 -13.80 19.68 -17.23
C GLN A 109 -12.32 19.54 -17.45
N SER A 110 -11.55 19.18 -16.42
CA SER A 110 -10.08 18.95 -16.56
C SER A 110 -9.75 17.50 -16.94
N ASN A 111 -10.78 16.70 -17.18
CA ASN A 111 -10.66 15.32 -17.52
C ASN A 111 -11.39 15.06 -18.87
N CYS A 112 -10.82 14.16 -19.68
CA CYS A 112 -11.31 13.90 -21.04
C CYS A 112 -11.54 12.42 -21.21
N THR A 113 -12.72 12.05 -21.73
CA THR A 113 -12.96 10.64 -22.05
C THR A 113 -12.49 10.30 -23.47
N LEU A 114 -12.06 9.06 -23.65
CA LEU A 114 -11.63 8.58 -24.97
C LEU A 114 -12.45 7.35 -25.26
N ASN A 115 -13.42 7.50 -26.15
CA ASN A 115 -14.27 6.42 -26.54
C ASN A 115 -13.72 5.77 -27.82
N LEU A 116 -13.72 4.44 -27.83
CA LEU A 116 -13.27 3.65 -29.00
C LEU A 116 -14.12 3.98 -30.21
N LEU A 117 -13.48 4.20 -31.34
CA LEU A 117 -14.20 4.41 -32.59
C LEU A 117 -14.75 3.08 -33.16
N ASP A 118 -14.02 1.98 -32.97
CA ASP A 118 -14.37 0.67 -33.50
C ASP A 118 -13.90 -0.44 -32.51
N PRO A 119 -14.80 -0.84 -31.57
CA PRO A 119 -14.61 -1.98 -30.65
C PRO A 119 -14.15 -3.32 -31.32
N LEU A 120 -14.48 -3.53 -32.58
CA LEU A 120 -14.05 -4.73 -33.29
C LEU A 120 -12.59 -4.69 -33.78
N GLU A 121 -12.04 -3.52 -34.05
CA GLU A 121 -10.64 -3.42 -34.43
C GLU A 121 -9.76 -3.39 -33.16
N LEU A 122 -10.35 -2.97 -32.06
CA LEU A 122 -9.59 -2.56 -30.91
C LEU A 122 -10.21 -2.98 -29.60
N ASP A 123 -9.48 -3.82 -28.87
CA ASP A 123 -9.91 -4.20 -27.52
C ASP A 123 -9.81 -3.02 -26.51
N LEU A 124 -10.87 -2.79 -25.74
CA LEU A 124 -10.93 -1.70 -24.74
C LEU A 124 -9.77 -1.73 -23.72
N LYS A 125 -9.62 -2.86 -23.06
CA LYS A 125 -8.56 -3.03 -22.12
C LYS A 125 -7.15 -2.90 -22.72
N PHE A 126 -6.93 -3.44 -23.92
CA PHE A 126 -5.68 -3.22 -24.65
C PHE A 126 -5.47 -1.72 -24.93
N ALA A 127 -6.52 -1.04 -25.38
CA ALA A 127 -6.46 0.40 -25.65
C ALA A 127 -5.98 1.13 -24.37
N TYR A 128 -6.53 0.73 -23.24
CA TYR A 128 -6.16 1.37 -21.99
C TYR A 128 -4.65 1.25 -21.69
N TYR A 129 -4.13 0.04 -21.75
CA TYR A 129 -2.69 -0.24 -21.59
C TYR A 129 -1.76 0.41 -22.59
N ALA A 130 -2.19 0.51 -23.86
CA ALA A 130 -1.45 1.15 -24.89
C ALA A 130 -1.28 2.62 -24.53
N LEU A 131 -2.36 3.24 -24.08
CA LEU A 131 -2.33 4.62 -23.62
C LEU A 131 -1.50 4.73 -22.33
N LYS A 132 -1.77 3.85 -21.36
CA LYS A 132 -1.09 3.87 -20.05
C LYS A 132 0.41 3.76 -20.13
N SER A 133 0.91 2.95 -21.07
CA SER A 133 2.35 2.78 -21.32
C SER A 133 3.04 4.05 -21.90
N GLN A 134 2.24 4.98 -22.41
CA GLN A 134 2.75 6.18 -23.04
C GLN A 134 2.45 7.37 -22.14
N GLN A 135 2.09 7.11 -20.89
CA GLN A 135 1.71 8.17 -19.92
C GLN A 135 2.74 9.32 -19.80
N GLU A 136 4.04 9.01 -19.78
CA GLU A 136 5.07 10.03 -19.66
C GLU A 136 5.11 10.98 -20.90
N ARG A 137 4.90 10.40 -22.07
CA ARG A 137 4.77 11.11 -23.33
C ARG A 137 3.48 11.96 -23.44
N ILE A 138 2.38 11.50 -22.84
CA ILE A 138 1.17 12.32 -22.69
C ILE A 138 1.40 13.51 -21.73
N GLU A 139 1.97 13.23 -20.55
CA GLU A 139 2.37 14.27 -19.60
C GLU A 139 3.19 15.40 -20.27
N ALA A 140 4.15 15.02 -21.12
CA ALA A 140 5.04 15.91 -21.88
C ALA A 140 4.32 16.88 -22.81
N LEU A 141 3.11 16.54 -23.25
CA LEU A 141 2.26 17.46 -24.00
C LEU A 141 1.83 18.71 -23.21
N ALA A 142 1.73 18.60 -21.88
CA ALA A 142 1.24 19.73 -21.05
C ALA A 142 2.05 21.03 -21.18
N PHE A 143 1.38 22.19 -21.14
CA PHE A 143 2.05 23.48 -20.89
C PHE A 143 1.89 23.90 -19.41
N GLY A 144 2.92 24.55 -18.85
CA GLY A 144 2.94 25.00 -17.45
C GLY A 144 3.47 23.92 -16.51
N THR A 145 3.80 24.27 -15.27
CA THR A 145 4.20 23.28 -14.26
C THR A 145 3.28 23.28 -13.06
N THR A 146 3.10 24.46 -12.48
CA THR A 146 2.24 24.65 -11.31
C THR A 146 0.76 24.63 -11.71
N ILE A 147 0.41 25.27 -12.84
CA ILE A 147 -0.89 25.10 -13.49
C ILE A 147 -0.66 24.56 -14.88
N GLN A 148 -1.04 23.31 -15.08
CA GLN A 148 -0.73 22.55 -16.28
C GLN A 148 -1.98 22.26 -17.12
N ASN A 149 -1.86 22.38 -18.44
CA ASN A 149 -2.95 21.99 -19.31
C ASN A 149 -2.49 21.27 -20.56
N ILE A 150 -3.31 20.32 -21.00
CA ILE A 150 -3.14 19.73 -22.35
C ILE A 150 -4.26 20.25 -23.28
N ARG A 151 -3.87 20.76 -24.45
CA ARG A 151 -4.87 21.07 -25.48
C ARG A 151 -5.36 19.78 -26.17
N ILE A 152 -6.66 19.73 -26.41
CA ILE A 152 -7.28 18.53 -26.97
C ILE A 152 -6.70 18.20 -28.36
N SER A 153 -6.45 19.23 -29.15
CA SER A 153 -5.90 19.02 -30.49
C SER A 153 -4.47 18.42 -30.47
N ASP A 154 -3.70 18.71 -29.42
CA ASP A 154 -2.39 18.06 -29.22
C ASP A 154 -2.53 16.60 -28.81
N LEU A 155 -3.48 16.29 -27.92
CA LEU A 155 -3.70 14.93 -27.49
C LEU A 155 -4.04 14.02 -28.69
N LYS A 156 -4.95 14.51 -29.54
CA LYS A 156 -5.40 13.80 -30.74
C LYS A 156 -4.28 13.41 -31.69
N GLU A 157 -3.23 14.24 -31.77
CA GLU A 157 -2.08 14.06 -32.66
C GLU A 157 -1.02 13.10 -32.11
N LEU A 158 -0.97 12.89 -30.79
CA LEU A 158 -0.03 11.95 -30.20
C LEU A 158 -0.15 10.54 -30.77
N GLU A 159 0.97 9.98 -31.15
CA GLU A 159 0.96 8.57 -31.60
C GLU A 159 1.22 7.57 -30.51
N ILE A 160 0.45 6.51 -30.54
CA ILE A 160 0.63 5.45 -29.61
C ILE A 160 0.88 4.13 -30.36
N PRO A 161 1.48 3.15 -29.65
CA PRO A 161 1.76 1.87 -30.29
C PRO A 161 0.46 1.05 -30.47
N PHE A 162 0.37 0.37 -31.62
CA PHE A 162 -0.82 -0.39 -31.97
C PHE A 162 -0.46 -1.65 -32.75
N THR A 163 -1.22 -2.71 -32.52
CA THR A 163 -1.24 -3.84 -33.42
C THR A 163 -2.69 -4.25 -33.69
N SER A 164 -2.94 -4.67 -34.91
CA SER A 164 -4.27 -5.09 -35.27
C SER A 164 -4.55 -6.58 -35.00
N ASN A 165 -3.54 -7.32 -34.52
CA ASN A 165 -3.72 -8.70 -34.10
C ASN A 165 -4.49 -8.77 -32.75
N LYS A 166 -5.77 -9.17 -32.83
CA LYS A 166 -6.68 -9.29 -31.70
C LYS A 166 -6.21 -10.32 -30.66
N ASN A 167 -5.60 -11.40 -31.12
CA ASN A 167 -5.09 -12.42 -30.20
C ASN A 167 -4.00 -11.78 -29.37
N GLU A 168 -3.13 -11.05 -30.03
CA GLU A 168 -2.06 -10.35 -29.34
C GLU A 168 -2.59 -9.20 -28.42
N GLN A 169 -3.57 -8.42 -28.88
CA GLN A 169 -4.26 -7.44 -28.03
C GLN A 169 -4.80 -8.11 -26.74
N HIS A 170 -5.48 -9.24 -26.88
CA HIS A 170 -6.02 -9.94 -25.72
C HIS A 170 -4.92 -10.53 -24.83
N ALA A 171 -3.87 -11.09 -25.43
CA ALA A 171 -2.77 -11.65 -24.65
C ALA A 171 -2.11 -10.60 -23.73
N ILE A 172 -1.83 -9.42 -24.28
CA ILE A 172 -1.23 -8.33 -23.53
C ILE A 172 -2.19 -7.74 -22.46
N ALA A 173 -3.46 -7.56 -22.82
CA ALA A 173 -4.44 -7.03 -21.90
C ALA A 173 -4.72 -8.02 -20.76
N ASN A 174 -4.79 -9.31 -21.12
CA ASN A 174 -4.92 -10.37 -20.12
C ASN A 174 -3.75 -10.42 -19.13
N THR A 175 -2.54 -10.30 -19.63
CA THR A 175 -1.33 -10.38 -18.79
C THR A 175 -1.36 -9.30 -17.70
N LEU A 176 -1.78 -7.90 -17.95
CA LEU A 176 -1.63 -6.61 -17.26
C LEU A 176 -2.83 -6.42 -16.41
N SER A 177 -4.25 -7.29 -16.86
CA SER A 177 -5.46 -7.30 -16.05
C SER A 177 -5.30 -8.15 -14.82
N VAL A 178 -4.59 -9.26 -14.94
CA VAL A 178 -4.48 -10.13 -13.77
C VAL A 178 -3.74 -9.42 -12.67
N PHE A 179 -2.71 -8.67 -13.03
CA PHE A 179 -2.02 -7.78 -12.07
C PHE A 179 -2.89 -6.70 -11.48
N ASP A 180 -3.54 -5.91 -12.33
CA ASP A 180 -4.45 -4.87 -11.87
C ASP A 180 -5.60 -5.35 -10.98
N GLU A 181 -6.17 -6.52 -11.30
CA GLU A 181 -7.29 -7.08 -10.53
C GLU A 181 -6.80 -7.58 -9.17
N ARG A 182 -5.64 -8.22 -9.15
CA ARG A 182 -5.06 -8.63 -7.86
C ARG A 182 -4.73 -7.41 -6.95
N LEU A 183 -4.12 -6.36 -7.49
CA LEU A 183 -3.80 -5.16 -6.73
C LEU A 183 -5.04 -4.53 -6.14
N GLU A 184 -6.12 -4.54 -6.92
CA GLU A 184 -7.39 -3.94 -6.52
C GLU A 184 -8.01 -4.78 -5.40
N ASN A 185 -7.99 -6.08 -5.58
CA ASN A 185 -8.46 -6.98 -4.55
C ASN A 185 -7.60 -6.94 -3.28
N LEU A 186 -6.29 -6.95 -3.44
CA LEU A 186 -5.42 -6.72 -2.26
C LEU A 186 -5.72 -5.44 -1.45
N ALA A 187 -5.94 -4.29 -2.12
CA ALA A 187 -6.24 -3.03 -1.47
C ALA A 187 -7.55 -3.07 -0.65
N SER A 188 -8.53 -3.75 -1.24
CA SER A 188 -9.79 -3.99 -0.63
C SER A 188 -9.64 -4.92 0.62
N LEU A 189 -8.83 -5.98 0.52
CA LEU A 189 -8.52 -6.89 1.64
C LEU A 189 -7.80 -6.23 2.81
N ILE A 190 -6.83 -5.38 2.48
CA ILE A 190 -6.07 -4.63 3.48
C ILE A 190 -7.01 -3.74 4.31
N GLU A 191 -7.82 -2.92 3.63
CA GLU A 191 -8.82 -2.08 4.24
C GLU A 191 -9.85 -2.86 5.10
N ILE A 192 -10.38 -3.98 4.59
CA ILE A 192 -11.29 -4.83 5.39
C ILE A 192 -10.63 -5.30 6.72
N ASN A 193 -9.39 -5.77 6.59
CA ASN A 193 -8.68 -6.41 7.67
C ASN A 193 -8.01 -5.45 8.64
N ARG A 194 -7.66 -4.27 8.14
CA ARG A 194 -7.22 -3.15 8.98
C ARG A 194 -8.31 -2.75 10.00
N LYS A 195 -9.54 -2.53 9.51
CA LYS A 195 -10.70 -2.20 10.36
C LYS A 195 -11.10 -3.30 11.39
N LEU A 196 -11.03 -4.56 10.96
CA LEU A 196 -11.38 -5.70 11.82
C LEU A 196 -10.33 -5.89 12.92
N ARG A 197 -9.07 -5.80 12.50
CA ARG A 197 -7.92 -5.82 13.39
C ARG A 197 -8.01 -4.70 14.44
N ASP A 198 -8.31 -3.48 14.01
CA ASP A 198 -8.43 -2.35 14.93
C ASP A 198 -9.57 -2.59 15.92
N GLU A 199 -10.68 -3.10 15.40
CA GLU A 199 -11.86 -3.40 16.21
C GLU A 199 -11.57 -4.48 17.28
N TYR A 200 -10.97 -5.58 16.82
CA TYR A 200 -10.58 -6.68 17.70
C TYR A 200 -9.63 -6.23 18.82
N ALA A 201 -8.61 -5.44 18.46
CA ALA A 201 -7.66 -4.93 19.45
C ALA A 201 -8.32 -4.02 20.47
N HIS A 202 -9.18 -3.13 19.99
CA HIS A 202 -9.85 -2.20 20.85
C HIS A 202 -10.80 -2.94 21.80
N LYS A 203 -11.57 -3.89 21.26
CA LYS A 203 -12.51 -4.69 22.07
C LYS A 203 -11.75 -5.59 23.07
N LEU A 204 -10.59 -6.11 22.64
CA LEU A 204 -9.73 -6.91 23.53
C LEU A 204 -9.22 -6.12 24.73
N PHE A 205 -8.48 -5.04 24.45
CA PHE A 205 -7.77 -4.29 25.50
C PHE A 205 -8.70 -3.45 26.37
N SER A 206 -9.91 -3.20 25.90
CA SER A 206 -10.92 -2.53 26.72
C SER A 206 -11.86 -3.56 27.35
N LEU A 207 -11.70 -4.82 26.97
CA LEU A 207 -12.48 -5.93 27.55
C LEU A 207 -13.96 -5.79 27.27
N ASP A 208 -14.33 -5.55 26.01
CA ASP A 208 -15.73 -5.55 25.61
C ASP A 208 -16.38 -6.88 26.00
N GLU A 209 -17.42 -6.82 26.84
CA GLU A 209 -18.14 -8.00 27.34
C GLU A 209 -18.65 -8.94 26.22
N ALA A 210 -19.42 -8.40 25.28
CA ALA A 210 -19.92 -9.19 24.14
C ALA A 210 -18.80 -9.88 23.34
N PHE A 211 -17.64 -9.21 23.24
CA PHE A 211 -16.47 -9.70 22.51
C PHE A 211 -15.80 -10.83 23.30
N LEU A 212 -15.58 -10.62 24.59
CA LEU A 212 -15.04 -11.67 25.47
C LEU A 212 -15.94 -12.91 25.52
N SER A 213 -17.24 -12.69 25.44
CA SER A 213 -18.18 -13.81 25.41
C SER A 213 -17.97 -14.65 24.13
N HIS A 214 -17.98 -13.97 22.99
CA HIS A 214 -17.96 -14.61 21.68
C HIS A 214 -16.65 -15.36 21.47
N TRP A 215 -15.56 -14.78 21.94
CA TRP A 215 -14.23 -15.33 21.73
C TRP A 215 -13.75 -16.21 22.89
N LYS A 216 -14.65 -16.49 23.84
CA LYS A 216 -14.38 -17.32 25.04
C LYS A 216 -13.16 -16.86 25.90
N LEU A 217 -13.09 -15.54 26.07
CA LEU A 217 -12.04 -14.89 26.83
C LEU A 217 -12.58 -14.20 28.10
N GLU A 218 -13.56 -14.82 28.74
CA GLU A 218 -14.16 -14.26 29.95
C GLU A 218 -13.17 -14.22 31.13
N ALA A 219 -12.22 -15.15 31.15
CA ALA A 219 -11.16 -15.19 32.15
C ALA A 219 -10.31 -13.90 32.24
N LEU A 220 -10.16 -13.19 31.12
CA LEU A 220 -9.45 -11.89 31.12
C LEU A 220 -10.13 -10.83 32.01
N GLN A 221 -11.44 -10.91 32.14
CA GLN A 221 -12.23 -9.91 32.87
C GLN A 221 -11.71 -9.78 34.31
N SER A 222 -11.39 -10.92 34.91
CA SER A 222 -10.87 -10.96 36.25
C SER A 222 -9.35 -10.95 36.25
N GLN A 223 -8.74 -11.61 35.27
CA GLN A 223 -7.30 -11.86 35.31
C GLN A 223 -6.38 -10.81 34.67
N HIS A 225 -4.35 -7.43 34.08
CA HIS A 225 -3.85 -6.24 34.80
C HIS A 225 -2.59 -5.68 34.13
N GLU A 226 -2.08 -4.59 34.67
CA GLU A 226 -0.93 -3.89 34.10
C GLU A 226 0.37 -4.44 34.63
N ILE A 227 1.37 -4.58 33.76
CA ILE A 227 2.74 -4.88 34.17
C ILE A 227 3.65 -3.91 33.43
N THR A 228 4.85 -3.68 33.96
CA THR A 228 5.89 -2.99 33.19
C THR A 228 6.67 -3.95 32.27
N LEU A 229 7.13 -3.43 31.13
CA LEU A 229 7.87 -4.32 30.21
C LEU A 229 9.09 -4.98 30.86
N GLY A 230 9.75 -4.28 31.78
CA GLY A 230 11.03 -4.75 32.37
C GLY A 230 10.83 -5.96 33.27
N GLU A 231 9.58 -6.23 33.63
CA GLU A 231 9.28 -7.39 34.42
C GLU A 231 9.18 -8.68 33.59
N ILE A 232 8.99 -8.57 32.28
CA ILE A 232 8.81 -9.78 31.45
C ILE A 232 9.80 -9.88 30.27
N PHE A 233 10.40 -8.74 29.91
CA PHE A 233 11.41 -8.70 28.87
C PHE A 233 12.73 -8.17 29.40
N ASN A 234 13.82 -8.60 28.77
CA ASN A 234 15.12 -7.96 28.90
C ASN A 234 15.36 -7.14 27.63
N PHE A 235 16.11 -6.05 27.77
CA PHE A 235 16.36 -5.09 26.68
C PHE A 235 17.85 -5.08 26.34
N LYS A 236 18.13 -4.95 25.04
CA LYS A 236 19.46 -4.57 24.57
C LYS A 236 19.33 -3.49 23.52
N SER A 237 20.21 -2.50 23.60
CA SER A 237 20.28 -1.48 22.56
C SER A 237 21.14 -1.97 21.39
N GLY A 238 20.81 -1.45 20.21
CA GLY A 238 21.43 -1.86 18.96
C GLY A 238 22.91 -1.57 18.85
N LYS A 239 23.61 -2.42 18.09
CA LYS A 239 25.05 -2.55 18.20
C LYS A 239 25.85 -1.64 17.30
N TYR A 240 25.42 -1.47 16.01
CA TYR A 240 26.20 -0.61 15.06
C TYR A 240 27.24 -1.37 14.13
N LEU A 241 26.96 -1.34 12.83
CA LEU A 241 27.87 -1.86 11.81
C LEU A 241 28.16 -0.85 10.69
N LYS A 242 29.54 -0.77 10.40
CA LYS A 242 29.93 0.02 9.21
C LYS A 242 29.36 -0.58 7.91
N SER A 243 29.03 0.52 6.93
CA SER A 243 28.69 0.05 5.56
C SER A 243 29.58 -1.09 5.02
N GLU A 244 30.93 -1.08 5.36
CA GLU A 244 31.79 -2.18 4.85
C GLU A 244 31.54 -3.55 5.51
N GLU A 245 30.62 -3.56 6.47
CA GLU A 245 30.26 -4.77 7.22
C GLU A 245 28.81 -5.19 6.90
N ARG A 246 28.20 -4.49 5.92
CA ARG A 246 26.82 -4.89 5.56
C ARG A 246 26.69 -5.41 4.11
N LEU A 247 25.63 -6.20 3.89
CA LEU A 247 25.29 -6.66 2.55
C LEU A 247 23.98 -5.97 2.16
N GLU A 248 23.65 -5.95 0.86
CA GLU A 248 22.40 -5.33 0.40
C GLU A 248 21.32 -6.40 0.18
N GLU A 249 21.82 -7.61 -0.13
CA GLU A 249 21.00 -8.81 -0.21
C GLU A 249 21.64 -9.78 0.78
N GLY A 250 20.80 -10.36 1.66
CA GLY A 250 21.30 -11.34 2.62
C GLY A 250 20.16 -12.19 3.12
N LYS A 251 20.44 -13.00 4.15
CA LYS A 251 19.43 -13.83 4.82
C LYS A 251 18.87 -13.20 6.08
N PHE A 252 19.75 -12.54 6.83
CA PHE A 252 19.41 -11.99 8.14
C PHE A 252 19.39 -10.47 8.08
N PRO A 253 18.19 -9.88 8.27
CA PRO A 253 18.01 -8.43 8.17
C PRO A 253 18.65 -7.59 9.28
N TYR A 254 19.29 -6.49 8.88
CA TYR A 254 19.75 -5.45 9.80
C TYR A 254 18.62 -4.45 10.01
N TYR A 255 18.31 -4.14 11.28
CA TYR A 255 17.30 -3.16 11.67
C TYR A 255 17.90 -2.07 12.55
N GLY A 256 17.69 -0.80 12.18
CA GLY A 256 18.43 0.25 12.86
C GLY A 256 17.87 1.64 13.16
N ALA A 257 16.75 2.02 12.55
CA ALA A 257 16.15 3.36 12.78
C ALA A 257 15.03 3.71 11.78
N GLY A 258 15.08 3.08 10.60
CA GLY A 258 13.93 3.02 9.68
C GLY A 258 13.04 1.86 10.09
N ILE A 259 11.79 1.83 9.61
CA ILE A 259 10.85 0.77 10.03
C ILE A 259 11.21 -0.56 9.36
N ASP A 260 11.82 -0.44 8.18
CA ASP A 260 12.30 -1.59 7.45
C ASP A 260 13.82 -1.73 7.54
N ASN A 261 14.30 -2.93 7.21
CA ASN A 261 15.72 -3.25 7.24
C ASN A 261 16.60 -2.32 6.37
N THR A 262 17.70 -1.84 6.93
CA THR A 262 18.71 -1.13 6.15
C THR A 262 19.79 -2.15 5.78
N GLY A 263 19.44 -3.03 4.83
CA GLY A 263 20.35 -4.07 4.37
C GLY A 263 20.29 -5.34 5.19
N PHE A 264 21.41 -6.08 5.17
CA PHE A 264 21.43 -7.44 5.69
C PHE A 264 22.75 -7.72 6.38
N VAL A 265 22.82 -8.91 7.02
CA VAL A 265 23.94 -9.22 7.92
C VAL A 265 24.45 -10.68 7.74
N ALA A 266 25.73 -10.92 8.15
CA ALA A 266 26.36 -12.27 8.12
C ALA A 266 25.86 -13.16 9.28
N GLU A 267 26.13 -12.70 10.53
CA GLU A 267 25.57 -13.37 11.70
C GLU A 267 24.53 -12.47 12.36
N PRO A 268 23.31 -13.00 12.52
CA PRO A 268 22.26 -12.31 13.28
C PRO A 268 22.73 -12.18 14.72
N ASN A 269 22.23 -11.19 15.47
CA ASN A 269 22.58 -11.12 16.87
C ASN A 269 21.37 -11.32 17.76
N THR A 270 20.20 -11.44 17.15
CA THR A 270 18.94 -11.58 17.89
C THR A 270 18.09 -12.67 17.24
N GLU A 271 17.43 -13.45 18.10
CA GLU A 271 16.61 -14.60 17.73
C GLU A 271 15.29 -14.14 17.13
N LYS A 272 14.57 -15.08 16.52
CA LYS A 272 13.22 -14.85 16.05
C LYS A 272 12.29 -14.80 17.28
N ASP A 273 11.02 -14.49 17.05
CA ASP A 273 10.02 -14.35 18.14
C ASP A 273 10.43 -13.29 19.18
N THR A 274 10.78 -12.12 18.66
CA THR A 274 11.29 -11.03 19.49
C THR A 274 10.60 -9.78 19.04
N ILE A 275 10.66 -8.73 19.86
CA ILE A 275 10.04 -7.44 19.53
C ILE A 275 11.16 -6.43 19.45
N SER A 276 10.99 -5.39 18.64
CA SER A 276 11.87 -4.24 18.67
C SER A 276 11.09 -2.91 18.63
N ILE A 277 11.74 -1.86 19.13
CA ILE A 277 11.18 -0.53 19.19
C ILE A 277 12.33 0.37 18.73
N ILE A 278 12.05 1.23 17.76
CA ILE A 278 12.99 2.28 17.34
C ILE A 278 13.09 3.34 18.43
N SER A 279 14.33 3.70 18.76
CA SER A 279 14.64 4.58 19.88
C SER A 279 14.96 5.98 19.43
N ASN A 280 15.32 6.11 18.15
CA ASN A 280 15.86 7.37 17.57
C ASN A 280 15.19 7.84 16.30
N GLY A 281 15.32 9.13 16.03
CA GLY A 281 14.90 9.71 14.74
C GLY A 281 13.41 9.84 14.63
N TYR A 282 12.91 9.92 13.39
CA TYR A 282 11.49 10.19 13.17
C TYR A 282 10.59 8.97 13.33
N SER A 283 11.17 7.79 13.20
CA SER A 283 10.44 6.52 13.38
C SER A 283 10.44 6.05 14.84
N LEU A 284 10.91 6.91 15.74
CA LEU A 284 10.91 6.70 17.19
C LEU A 284 9.59 6.14 17.73
N GLY A 285 9.66 5.04 18.47
CA GLY A 285 8.49 4.44 19.05
C GLY A 285 7.75 3.45 18.18
N ASN A 286 8.25 3.21 16.99
CA ASN A 286 7.67 2.19 16.12
C ASN A 286 8.05 0.81 16.60
N ILE A 287 7.07 -0.09 16.60
CA ILE A 287 7.20 -1.44 17.15
C ILE A 287 7.10 -2.47 16.04
N ARG A 288 7.98 -3.47 16.07
CA ARG A 288 7.80 -4.64 15.22
C ARG A 288 8.08 -5.99 15.84
N TYR A 289 7.44 -6.98 15.25
CA TYR A 289 7.60 -8.35 15.61
C TYR A 289 8.57 -8.99 14.60
N HIS A 290 9.50 -9.78 15.11
CA HIS A 290 10.49 -10.50 14.28
C HIS A 290 10.27 -11.99 14.15
N GLU A 291 9.99 -12.38 12.91
CA GLU A 291 9.63 -13.74 12.53
C GLU A 291 10.93 -14.52 12.25
N ILE A 292 12.00 -13.78 11.98
CA ILE A 292 13.29 -14.38 11.64
C ILE A 292 14.40 -13.75 12.49
N PRO A 293 15.55 -14.46 12.61
CA PRO A 293 16.73 -13.90 13.26
C PRO A 293 17.22 -12.63 12.54
N TRP A 294 17.68 -11.65 13.32
CA TRP A 294 18.00 -10.34 12.76
C TRP A 294 19.16 -9.65 13.47
N PHE A 295 19.60 -8.53 12.91
CA PHE A 295 20.63 -7.70 13.55
C PHE A 295 20.02 -6.41 14.13
N ASN A 296 20.11 -6.27 15.45
CA ASN A 296 19.75 -5.06 16.17
C ASN A 296 20.82 -3.93 16.01
N GLY A 297 20.55 -2.93 15.16
CA GLY A 297 21.47 -1.80 14.87
C GLY A 297 21.15 -0.59 15.74
N THR A 298 21.80 0.56 15.49
CA THR A 298 21.97 1.65 16.49
C THR A 298 20.74 2.32 17.07
N GLY A 299 19.80 2.73 16.21
CA GLY A 299 18.57 3.35 16.74
C GLY A 299 17.45 2.37 17.08
N SER A 300 17.83 1.21 17.59
CA SER A 300 16.85 0.14 17.80
C SER A 300 17.03 -0.51 19.18
N ILE A 301 15.93 -0.93 19.79
CA ILE A 301 15.98 -1.71 21.03
C ILE A 301 15.40 -3.12 20.79
N ALA A 302 16.07 -4.15 21.28
CA ALA A 302 15.47 -5.49 21.18
C ALA A 302 14.84 -5.92 22.50
N LEU A 303 13.74 -6.66 22.41
CA LEU A 303 13.08 -7.22 23.60
C LEU A 303 13.12 -8.72 23.52
N GLU A 304 13.73 -9.34 24.55
CA GLU A 304 13.87 -10.79 24.62
C GLU A 304 13.06 -11.26 25.84
N PRO A 305 12.06 -12.14 25.63
CA PRO A 305 11.20 -12.56 26.76
C PRO A 305 12.06 -13.25 27.85
N ASN A 307 11.27 -15.63 29.95
CA ASN A 307 11.04 -17.08 30.03
C ASN A 307 10.11 -17.59 28.94
N ASN A 308 9.95 -18.91 28.91
CA ASN A 308 9.13 -19.63 27.93
C ASN A 308 7.62 -19.43 28.09
N GLU A 309 7.20 -18.88 29.22
CA GLU A 309 5.77 -18.73 29.55
C GLU A 309 5.19 -17.46 28.96
N ILE A 310 5.97 -16.81 28.11
CA ILE A 310 5.58 -15.54 27.51
C ILE A 310 5.21 -15.76 26.02
N TYR A 311 3.95 -15.58 25.66
CA TYR A 311 3.54 -15.50 24.26
C TYR A 311 3.83 -14.10 23.76
N VAL A 312 4.99 -13.94 23.14
CA VAL A 312 5.49 -12.64 22.73
C VAL A 312 4.48 -11.85 21.81
N PRO A 313 3.84 -12.52 20.82
CA PRO A 313 2.89 -11.77 19.99
C PRO A 313 1.72 -11.12 20.75
N PHE A 314 1.36 -11.62 21.93
CA PHE A 314 0.34 -10.96 22.76
C PHE A 314 0.80 -9.54 23.12
N PHE A 315 2.07 -9.46 23.53
CA PHE A 315 2.71 -8.24 23.95
C PHE A 315 3.00 -7.29 22.84
N TYR A 316 3.36 -7.85 21.69
CA TYR A 316 3.49 -7.09 20.44
C TYR A 316 2.19 -6.33 20.13
N CYS A 317 1.05 -7.04 20.18
CA CYS A 317 -0.28 -6.46 19.93
C CYS A 317 -0.64 -5.36 20.90
N ALA A 318 -0.32 -5.63 22.17
CA ALA A 318 -0.52 -4.69 23.26
C ALA A 318 0.26 -3.38 23.04
N LEU A 319 1.52 -3.50 22.66
CA LEU A 319 2.37 -2.35 22.31
C LEU A 319 1.92 -1.59 21.05
N LYS A 320 1.52 -2.33 20.01
CA LYS A 320 0.96 -1.72 18.81
C LYS A 320 -0.30 -0.93 19.16
N TYR A 321 -1.11 -1.48 20.05
CA TYR A 321 -2.29 -0.75 20.54
C TYR A 321 -1.91 0.58 21.19
N LEU A 322 -0.78 0.60 21.88
CA LEU A 322 -0.30 1.75 22.65
C LEU A 322 0.72 2.64 21.90
N GLN A 323 1.09 2.25 20.68
CA GLN A 323 2.19 2.88 19.94
C GLN A 323 2.00 4.38 19.75
N LYS A 324 0.80 4.82 19.39
CA LYS A 324 0.53 6.23 19.26
C LYS A 324 0.75 6.99 20.58
N ASP A 325 0.23 6.44 21.68
CA ASP A 325 0.44 6.96 23.05
C ASP A 325 1.91 7.13 23.50
N ILE A 326 2.73 6.13 23.18
CA ILE A 326 4.17 6.12 23.42
C ILE A 326 4.88 7.23 22.64
N LYS A 327 4.59 7.33 21.34
CA LYS A 327 5.12 8.40 20.49
C LYS A 327 4.75 9.74 21.05
N GLU A 328 3.47 9.89 21.38
CA GLU A 328 2.90 11.15 21.86
C GLU A 328 3.56 11.57 23.20
N ARG A 329 3.83 10.57 24.05
CA ARG A 329 4.54 10.78 25.32
C ARG A 329 6.04 11.14 25.13
N LYS A 331 7.26 12.65 22.56
CA LYS A 331 7.18 14.03 22.08
C LYS A 331 7.20 15.05 23.20
N SER A 332 6.32 14.84 24.19
CA SER A 332 6.22 15.75 25.33
C SER A 332 7.26 15.47 26.43
N ASP A 333 8.01 14.36 26.29
CA ASP A 333 9.22 14.09 27.09
C ASP A 333 10.20 15.25 26.83
N ASP A 334 11.16 15.10 25.92
CA ASP A 334 12.08 16.24 25.63
C ASP A 334 12.26 16.58 24.13
N SER A 335 11.75 15.70 23.27
CA SER A 335 12.16 15.55 21.85
C SER A 335 13.45 14.69 21.73
N PRO A 336 13.61 13.66 22.60
CA PRO A 336 14.92 13.03 22.65
C PRO A 336 14.88 11.62 22.00
N PHE A 337 15.54 10.67 22.66
CA PHE A 337 15.48 9.27 22.30
C PHE A 337 14.70 8.49 23.36
N LEU A 338 14.37 7.24 23.05
CA LEU A 338 13.75 6.32 24.01
C LEU A 338 14.87 5.48 24.63
N SER A 339 15.16 5.74 25.91
CA SER A 339 16.17 5.00 26.62
C SER A 339 15.70 3.59 27.07
N LEU A 340 16.67 2.73 27.38
CA LEU A 340 16.37 1.45 28.01
C LEU A 340 15.57 1.63 29.33
N LYS A 341 15.86 2.70 30.06
CA LYS A 341 15.14 3.03 31.26
C LYS A 341 13.65 3.27 31.00
N LEU A 342 13.36 4.16 30.04
CA LEU A 342 11.99 4.52 29.70
C LEU A 342 11.22 3.36 29.10
N ALA A 343 11.86 2.63 28.21
CA ALA A 343 11.29 1.42 27.62
C ALA A 343 10.89 0.33 28.65
N GLY A 344 11.77 0.10 29.63
CA GLY A 344 11.49 -0.78 30.74
C GLY A 344 10.27 -0.40 31.58
N GLU A 345 9.98 0.91 31.60
CA GLU A 345 8.89 1.50 32.37
C GLU A 345 7.53 1.44 31.70
N ILE A 346 7.47 1.02 30.44
CA ILE A 346 6.23 1.04 29.66
C ILE A 346 5.28 0.03 30.28
N LYS A 347 4.06 0.50 30.55
CA LYS A 347 3.05 -0.37 31.13
C LYS A 347 2.18 -0.93 30.03
N VAL A 348 1.93 -2.23 30.13
CA VAL A 348 1.10 -2.94 29.14
C VAL A 348 0.10 -3.84 29.86
N PRO A 349 -1.01 -4.19 29.21
CA PRO A 349 -1.89 -5.21 29.83
C PRO A 349 -1.22 -6.59 29.88
N TYR A 350 -1.65 -7.38 30.86
CA TYR A 350 -0.92 -8.57 31.18
C TYR A 350 -1.84 -9.59 31.85
N VAL A 351 -1.65 -10.85 31.46
CA VAL A 351 -2.29 -11.96 32.12
C VAL A 351 -1.17 -12.99 32.28
N LYS A 352 -1.16 -13.69 33.40
CA LYS A 352 -0.03 -14.56 33.74
C LYS A 352 -0.02 -15.81 32.90
N SER A 353 -1.20 -16.36 32.64
CA SER A 353 -1.34 -17.61 31.90
C SER A 353 -0.87 -17.53 30.42
N PHE A 354 0.13 -18.36 30.08
CA PHE A 354 0.61 -18.51 28.70
C PHE A 354 -0.51 -18.87 27.72
N GLN A 355 -1.25 -19.95 28.00
CA GLN A 355 -2.39 -20.39 27.19
C GLN A 355 -3.40 -19.25 26.91
N LEU A 356 -3.60 -18.40 27.91
CA LEU A 356 -4.53 -17.26 27.81
C LEU A 356 -3.93 -16.04 27.04
N GLN A 357 -2.63 -15.81 27.20
CA GLN A 357 -1.89 -14.86 26.36
C GLN A 357 -2.05 -15.23 24.89
N ARG A 358 -1.86 -16.52 24.58
CA ARG A 358 -1.92 -16.98 23.21
C ARG A 358 -3.32 -16.94 22.63
N LYS A 359 -4.29 -17.34 23.43
CA LYS A 359 -5.70 -17.37 23.02
C LYS A 359 -6.21 -15.96 22.66
N ALA A 360 -5.95 -14.98 23.53
CA ALA A 360 -6.25 -13.56 23.28
C ALA A 360 -5.39 -12.99 22.14
N GLY A 361 -4.06 -13.10 22.26
CA GLY A 361 -3.13 -12.48 21.32
C GLY A 361 -3.35 -12.90 19.86
N LYS A 362 -3.65 -14.16 19.67
CA LYS A 362 -3.75 -14.80 18.35
C LYS A 362 -4.86 -14.20 17.47
N ILE A 363 -5.91 -13.68 18.12
CA ILE A 363 -7.10 -13.11 17.47
C ILE A 363 -6.70 -11.85 16.68
N VAL A 364 -5.88 -11.02 17.32
CA VAL A 364 -5.34 -9.83 16.70
C VAL A 364 -4.16 -10.18 15.79
N PHE A 365 -3.24 -10.98 16.32
CA PHE A 365 -1.97 -11.23 15.69
C PHE A 365 -2.10 -11.97 14.33
N LEU A 366 -3.03 -12.93 14.21
CA LEU A 366 -3.29 -13.56 12.92
C LEU A 366 -3.72 -12.57 11.82
N LEU A 367 -4.44 -11.49 12.20
CA LEU A 367 -4.80 -10.42 11.26
C LEU A 367 -3.59 -9.55 10.92
N ASP A 368 -2.74 -9.27 11.92
CA ASP A 368 -1.47 -8.58 11.63
C ASP A 368 -0.63 -9.30 10.60
N GLN A 369 -0.53 -10.63 10.74
CA GLN A 369 0.32 -11.44 9.87
C GLN A 369 -0.29 -11.46 8.47
N LYS A 370 -1.61 -11.64 8.40
CA LYS A 370 -2.39 -11.53 7.14
C LYS A 370 -2.19 -10.16 6.47
N LEU A 371 -2.29 -9.08 7.23
CA LEU A 371 -2.08 -7.74 6.68
C LEU A 371 -0.67 -7.54 6.16
N ASP A 372 0.30 -8.06 6.90
CA ASP A 372 1.68 -7.95 6.52
C ASP A 372 2.01 -8.62 5.16
N GLN A 373 1.50 -9.84 4.95
CA GLN A 373 1.64 -10.58 3.68
C GLN A 373 0.93 -9.81 2.54
N TYR A 374 -0.27 -9.34 2.78
CA TYR A 374 -0.99 -8.55 1.78
C TYR A 374 -0.24 -7.30 1.32
N LYS A 375 0.33 -6.56 2.26
CA LYS A 375 1.06 -5.34 1.97
C LYS A 375 2.35 -5.62 1.19
N LYS A 376 3.01 -6.73 1.54
CA LYS A 376 4.21 -7.17 0.86
C LYS A 376 3.91 -7.53 -0.62
N GLU A 377 2.87 -8.33 -0.82
CA GLU A 377 2.39 -8.72 -2.13
C GLU A 377 1.97 -7.49 -2.95
N LEU A 378 1.21 -6.55 -2.37
CA LEU A 378 0.80 -5.33 -3.09
C LEU A 378 1.99 -4.51 -3.60
N SER A 379 2.95 -4.29 -2.70
CA SER A 379 4.17 -3.59 -3.03
C SER A 379 4.95 -4.34 -4.14
N SER A 380 5.07 -5.65 -4.02
CA SER A 380 5.79 -6.48 -5.02
C SER A 380 5.15 -6.44 -6.43
N LEU A 381 3.84 -6.60 -6.50
CA LEU A 381 3.10 -6.64 -7.73
C LEU A 381 2.97 -5.29 -8.41
N THR A 382 2.98 -4.20 -7.64
CA THR A 382 3.01 -2.85 -8.19
C THR A 382 4.28 -2.70 -9.05
N VAL A 383 5.43 -3.03 -8.49
CA VAL A 383 6.66 -3.01 -9.21
C VAL A 383 6.63 -3.94 -10.44
N ILE A 384 6.14 -5.16 -10.31
CA ILE A 384 6.11 -6.11 -11.43
C ILE A 384 5.17 -5.58 -12.56
N ARG A 385 4.01 -5.07 -12.19
CA ARG A 385 3.05 -4.54 -13.11
C ARG A 385 3.65 -3.36 -13.91
N ASP A 386 4.33 -2.43 -13.22
CA ASP A 386 5.05 -1.34 -13.89
C ASP A 386 6.14 -1.84 -14.87
N THR A 387 6.88 -2.87 -14.48
CA THR A 387 7.92 -3.50 -15.31
C THR A 387 7.38 -4.15 -16.59
N LEU A 388 6.28 -4.90 -16.46
CA LEU A 388 5.63 -5.58 -17.57
C LEU A 388 4.95 -4.61 -18.55
N LEU A 389 4.29 -3.60 -18.01
CA LEU A 389 3.66 -2.58 -18.84
C LEU A 389 4.70 -1.92 -19.78
N LYS A 390 5.84 -1.51 -19.22
CA LYS A 390 6.89 -0.97 -20.03
C LYS A 390 7.44 -1.96 -21.10
N LYS A 391 7.66 -3.24 -20.73
CA LYS A 391 8.28 -4.26 -21.63
C LYS A 391 7.38 -4.86 -22.71
N LEU A 392 6.07 -4.84 -22.45
CA LEU A 392 5.06 -5.37 -23.36
C LEU A 392 4.72 -4.47 -24.56
N PHE A 393 5.08 -3.19 -24.53
CA PHE A 393 4.76 -2.22 -25.58
C PHE A 393 6.05 -1.65 -26.18
N PRO A 394 6.08 -1.36 -27.50
CA PRO A 394 7.25 -0.70 -28.10
C PRO A 394 7.65 0.58 -27.36
N ASP A 395 8.95 0.84 -27.21
CA ASP A 395 9.37 2.09 -26.56
C ASP A 395 9.39 3.17 -27.62
N THR A 397 10.24 6.57 -26.83
CA THR A 397 11.13 7.66 -26.43
C THR A 397 12.54 7.44 -27.00
#